data_3DWZ
#
_entry.id   3DWZ
#
_cell.length_a   49.852
_cell.length_b   67.595
_cell.length_c   75.188
_cell.angle_alpha   90.00
_cell.angle_beta   90.00
_cell.angle_gamma   90.00
#
_symmetry.space_group_name_H-M   'P 21 21 21'
#
loop_
_entity.id
_entity.type
_entity.pdbx_description
1 polymer Beta-lactamase
2 non-polymer 'PHOSPHATE ION'
3 non-polymer '(2S,3R,4S)-4-{[(3S,5S)-5-(dimethylcarbamoyl)pyrrolidin-3-yl]sulfanyl}-2-[(2S,3R)-3-hydroxy-1-oxobutan-2-yl]-3-methyl-3,4-dihydro-2H-pyrrole-5-carboxylic acid'
4 water water
#
_entity_poly.entity_id   1
_entity_poly.type   'polypeptide(L)'
_entity_poly.pdbx_seq_one_letter_code
;DLADRFAELERRYDARLGVYVPATGTTAAIEYRADERFAFCSTFKAPLVAAVLHQNPLTHLDKLITYTSDDIRSISPVAQ
QHVQTGMTIGQLCDAAIRYSDGTAANLLLADLGGPGGGTAAFTGYLRSLGDTVSRLDAEEPELNRDPPGDERDTTTPHAI
ALVLQQLVLGNALPPDKRALLTDWMARNTTGAKRIRAGFPADWKVIDKTGTGDYGRANDIAVVWSPTGVPYVVAVMSDRA
GGGYDAEPREALLAEAATCVAGVLA
;
_entity_poly.pdbx_strand_id   A
#
# COMPACT_ATOMS: atom_id res chain seq x y z
N ASP A 1 -16.50 15.17 -16.10
CA ASP A 1 -16.73 15.36 -14.63
C ASP A 1 -16.28 14.10 -13.90
N LEU A 2 -15.16 14.21 -13.18
CA LEU A 2 -14.58 13.07 -12.47
C LEU A 2 -15.53 12.35 -11.54
N ALA A 3 -16.26 13.11 -10.73
CA ALA A 3 -17.09 12.53 -9.70
C ALA A 3 -18.18 11.67 -10.33
N ASP A 4 -18.74 12.14 -11.44
CA ASP A 4 -19.71 11.36 -12.23
C ASP A 4 -19.07 10.08 -12.79
N ARG A 5 -17.84 10.18 -13.26
CA ARG A 5 -17.13 9.03 -13.82
C ARG A 5 -16.86 8.01 -12.71
N PHE A 6 -16.41 8.48 -11.54
CA PHE A 6 -16.15 7.56 -10.43
C PHE A 6 -17.44 6.88 -9.94
N ALA A 7 -18.52 7.65 -9.81
CA ALA A 7 -19.85 7.05 -9.49
C ALA A 7 -20.28 5.98 -10.53
N GLU A 8 -20.07 6.25 -11.81
CA GLU A 8 -20.34 5.23 -12.86
C GLU A 8 -19.56 3.94 -12.62
N LEU A 9 -18.28 4.06 -12.25
CA LEU A 9 -17.46 2.88 -11.96
C LEU A 9 -17.98 2.11 -10.76
N GLU A 10 -18.43 2.83 -9.74
CA GLU A 10 -19.03 2.17 -8.57
C GLU A 10 -20.21 1.30 -8.95
N ARG A 11 -21.10 1.85 -9.78
CA ARG A 11 -22.25 1.11 -10.28
C ARG A 11 -21.82 -0.09 -11.13
N ARG A 12 -20.81 0.10 -11.97
CA ARG A 12 -20.32 -0.97 -12.90
C ARG A 12 -19.80 -2.17 -12.12
N TYR A 13 -19.08 -1.90 -11.03
CA TYR A 13 -18.38 -2.95 -10.31
C TYR A 13 -19.06 -3.29 -8.97
N ASP A 14 -20.27 -2.79 -8.77
CA ASP A 14 -20.99 -2.91 -7.49
C ASP A 14 -20.02 -2.69 -6.32
N ALA A 15 -19.33 -1.56 -6.38
CA ALA A 15 -18.21 -1.30 -5.51
C ALA A 15 -18.33 0.04 -4.80
N ARG A 16 -17.51 0.21 -3.75
CA ARG A 16 -17.26 1.50 -3.15
C ARG A 16 -15.81 1.83 -3.52
N LEU A 17 -15.61 3.03 -4.07
CA LEU A 17 -14.31 3.49 -4.59
C LEU A 17 -13.87 4.75 -3.86
N GLY A 18 -12.59 4.78 -3.45
CA GLY A 18 -11.99 5.97 -2.87
C GLY A 18 -10.75 6.35 -3.65
N VAL A 19 -10.60 7.64 -3.91
CA VAL A 19 -9.49 8.15 -4.72
C VAL A 19 -8.94 9.42 -4.05
N TYR A 20 -7.63 9.51 -3.91
CA TYR A 20 -7.02 10.78 -3.54
C TYR A 20 -5.73 11.04 -4.29
N VAL A 21 -5.60 12.25 -4.82
CA VAL A 21 -4.33 12.77 -5.36
C VAL A 21 -4.09 14.12 -4.70
N PRO A 22 -3.00 14.25 -3.91
CA PRO A 22 -2.72 15.54 -3.24
C PRO A 22 -2.55 16.68 -4.22
N ALA A 23 -2.90 17.88 -3.79
CA ALA A 23 -2.71 19.08 -4.60
C ALA A 23 -1.22 19.28 -4.88
N THR A 24 -0.92 19.89 -6.01
CA THR A 24 0.46 20.25 -6.34
C THR A 24 0.62 21.77 -6.45
N GLY A 25 1.58 22.06 -7.30
CA GLY A 25 1.71 23.35 -7.81
C GLY A 25 0.56 23.70 -8.46
N THR A 26 0.15 23.12 -9.51
CA THR A 26 -0.89 23.78 -10.28
C THR A 26 -2.08 22.86 -10.51
N THR A 27 -2.13 21.76 -9.77
CA THR A 27 -3.31 20.91 -9.74
C THR A 27 -4.04 20.88 -8.42
N ALA A 28 -5.34 20.97 -8.45
CA ALA A 28 -6.13 20.86 -7.25
C ALA A 28 -6.12 19.38 -6.82
N ALA A 29 -6.31 19.15 -5.52
CA ALA A 29 -6.44 17.79 -5.02
C ALA A 29 -7.57 17.11 -5.79
N ILE A 30 -7.41 15.83 -6.09
CA ILE A 30 -8.49 15.01 -6.64
C ILE A 30 -8.98 14.15 -5.47
N GLU A 31 -10.27 14.18 -5.20
CA GLU A 31 -10.78 13.45 -4.06
C GLU A 31 -12.16 12.87 -4.31
N TYR A 32 -12.31 11.57 -4.03
CA TYR A 32 -13.60 10.92 -4.13
C TYR A 32 -13.69 9.93 -2.96
N ARG A 33 -14.66 10.13 -2.06
CA ARG A 33 -14.71 9.31 -0.83
C ARG A 33 -13.35 9.26 -0.14
N ALA A 34 -12.58 10.35 -0.26
CA ALA A 34 -11.18 10.32 0.13
C ALA A 34 -10.97 10.27 1.63
N ASP A 35 -12.00 10.61 2.39
CA ASP A 35 -11.89 10.56 3.85
C ASP A 35 -12.67 9.41 4.45
N GLU A 36 -13.24 8.57 3.59
CA GLU A 36 -13.84 7.32 4.08
C GLU A 36 -12.76 6.29 4.36
N ARG A 37 -13.00 5.47 5.40
CA ARG A 37 -12.08 4.41 5.77
C ARG A 37 -12.22 3.23 4.81
N PHE A 38 -11.05 2.70 4.40
CA PHE A 38 -10.93 1.44 3.63
C PHE A 38 -9.87 0.59 4.30
N ALA A 39 -10.04 -0.74 4.27
CA ALA A 39 -8.99 -1.65 4.77
C ALA A 39 -7.67 -1.32 4.10
N PHE A 40 -6.59 -1.30 4.87
CA PHE A 40 -5.21 -1.20 4.33
C PHE A 40 -4.97 -2.32 3.34
N CYS A 41 -5.43 -3.52 3.74
CA CYS A 41 -4.91 -4.76 3.21
C CYS A 41 -3.41 -4.59 3.08
N SER A 42 -2.53 -5.09 1.93
CA SER A 42 -1.07 -5.22 2.01
C SER A 42 -0.59 -3.80 1.81
N THR A 43 -1.46 -2.57 1.51
CA THR A 43 -0.73 -1.30 1.27
C THR A 43 0.09 -0.85 2.50
N PHE A 44 -0.22 -1.36 3.70
CA PHE A 44 0.57 -1.02 4.89
C PHE A 44 2.03 -1.40 4.79
N LYS A 45 2.37 -2.35 3.91
CA LYS A 45 3.75 -2.83 3.81
C LYS A 45 4.73 -1.78 3.32
N ALA A 46 4.23 -0.79 2.56
CA ALA A 46 5.10 0.33 2.16
C ALA A 46 5.56 1.15 3.38
N PRO A 47 4.63 1.76 4.14
CA PRO A 47 5.09 2.39 5.37
C PRO A 47 5.77 1.47 6.39
N LEU A 48 5.44 0.18 6.40
CA LEU A 48 6.13 -0.76 7.30
C LEU A 48 7.62 -0.84 7.01
N VAL A 49 7.96 -0.98 5.72
CA VAL A 49 9.35 -1.02 5.31
C VAL A 49 10.04 0.31 5.67
N ALA A 50 9.36 1.44 5.45
CA ALA A 50 9.88 2.74 5.84
C ALA A 50 10.18 2.79 7.36
N ALA A 51 9.26 2.26 8.16
CA ALA A 51 9.41 2.21 9.63
C ALA A 51 10.65 1.42 10.02
N VAL A 52 10.79 0.22 9.46
CA VAL A 52 11.94 -0.62 9.70
C VAL A 52 13.26 0.04 9.25
N LEU A 53 13.27 0.62 8.04
CA LEU A 53 14.45 1.35 7.57
C LEU A 53 14.82 2.48 8.51
N HIS A 54 13.82 3.27 8.88
CA HIS A 54 14.04 4.45 9.73
C HIS A 54 14.61 4.06 11.09
N GLN A 55 14.12 2.94 11.62
CA GLN A 55 14.40 2.51 12.99
C GLN A 55 15.82 1.98 13.19
N ASN A 56 16.49 1.61 12.09
CA ASN A 56 17.74 0.87 12.20
C ASN A 56 18.85 1.42 11.29
N PRO A 57 20.12 1.12 11.64
CA PRO A 57 21.18 1.41 10.70
C PRO A 57 20.89 0.69 9.40
N LEU A 58 21.37 1.27 8.31
CA LEU A 58 21.15 0.69 7.01
C LEU A 58 21.63 -0.76 6.95
N THR A 59 22.73 -1.09 7.62
CA THR A 59 23.22 -2.47 7.55
C THR A 59 22.43 -3.52 8.38
N HIS A 60 21.38 -3.09 9.06
CA HIS A 60 20.37 -4.02 9.61
C HIS A 60 19.74 -4.86 8.48
N LEU A 61 19.78 -4.36 7.25
CA LEU A 61 19.28 -5.08 6.09
C LEU A 61 19.97 -6.42 5.90
N ASP A 62 21.17 -6.55 6.47
CA ASP A 62 21.98 -7.74 6.29
C ASP A 62 21.77 -8.79 7.38
N LYS A 63 20.97 -8.46 8.39
CA LYS A 63 20.64 -9.40 9.46
C LYS A 63 19.78 -10.55 8.92
N LEU A 64 20.23 -11.78 9.14
CA LEU A 64 19.44 -12.96 8.81
C LEU A 64 18.31 -13.25 9.81
N ILE A 65 17.09 -13.41 9.28
CA ILE A 65 15.94 -13.78 10.08
C ILE A 65 15.54 -15.21 9.76
N THR A 66 15.40 -16.05 10.79
CA THR A 66 14.97 -17.42 10.54
C THR A 66 13.51 -17.57 10.99
N TYR A 67 12.82 -18.52 10.38
CA TYR A 67 11.40 -18.73 10.65
C TYR A 67 11.07 -20.16 10.21
N THR A 68 9.86 -20.59 10.54
CA THR A 68 9.51 -22.00 10.43
C THR A 68 8.11 -22.22 9.85
N SER A 69 7.68 -23.49 9.81
CA SER A 69 6.40 -23.84 9.24
C SER A 69 5.25 -23.04 9.84
N ASP A 70 5.24 -22.86 11.15
CA ASP A 70 4.07 -22.23 11.79
C ASP A 70 4.05 -20.71 11.60
N ASP A 71 5.07 -20.17 10.94
CA ASP A 71 5.12 -18.73 10.59
C ASP A 71 4.47 -18.43 9.24
N ILE A 72 4.20 -19.48 8.46
CA ILE A 72 3.61 -19.30 7.14
C ILE A 72 2.10 -19.45 7.25
N ARG A 73 1.41 -18.31 7.27
CA ARG A 73 -0.02 -18.26 7.62
C ARG A 73 -0.85 -17.47 6.60
N SER A 74 -0.22 -17.05 5.50
CA SER A 74 -0.86 -16.16 4.51
C SER A 74 -0.07 -16.30 3.23
N ILE A 75 -0.57 -15.72 2.13
CA ILE A 75 0.13 -15.75 0.84
C ILE A 75 1.55 -15.21 1.01
N SER A 76 2.54 -16.01 0.62
CA SER A 76 3.95 -15.71 0.94
C SER A 76 4.86 -16.32 -0.14
N PRO A 77 4.80 -15.76 -1.35
CA PRO A 77 5.40 -16.36 -2.54
C PRO A 77 6.91 -16.55 -2.41
N VAL A 78 7.55 -15.66 -1.66
CA VAL A 78 9.01 -15.67 -1.49
C VAL A 78 9.35 -16.42 -0.22
N ALA A 79 8.72 -16.05 0.90
CA ALA A 79 9.08 -16.67 2.18
C ALA A 79 8.89 -18.17 2.21
N GLN A 80 7.90 -18.66 1.47
CA GLN A 80 7.67 -20.10 1.34
C GLN A 80 8.86 -20.78 0.66
N GLN A 81 9.60 -20.20 -0.23
CA GLN A 81 10.76 -20.71 -0.95
C GLN A 81 12.01 -20.71 -0.08
N HIS A 82 11.91 -19.98 0.97
CA HIS A 82 13.16 -19.58 1.62
C HIS A 82 13.19 -20.06 3.07
N VAL A 83 12.17 -20.81 3.47
CA VAL A 83 11.95 -21.11 4.88
C VAL A 83 13.07 -21.97 5.44
N GLN A 84 13.73 -22.72 4.58
CA GLN A 84 14.76 -23.67 5.01
C GLN A 84 16.08 -22.96 5.27
N THR A 85 16.26 -21.80 4.68
CA THR A 85 17.53 -21.06 4.79
C THR A 85 17.46 -19.73 5.59
N GLY A 86 16.26 -19.18 5.76
CA GLY A 86 16.08 -17.87 6.40
C GLY A 86 16.12 -16.79 5.33
N MET A 87 15.80 -15.56 5.74
CA MET A 87 15.85 -14.40 4.84
C MET A 87 16.42 -13.23 5.62
N THR A 88 17.21 -12.40 4.95
CA THR A 88 17.72 -11.20 5.60
C THR A 88 16.58 -10.15 5.66
N ILE A 89 16.74 -9.14 6.51
CA ILE A 89 15.78 -8.05 6.60
C ILE A 89 15.59 -7.41 5.22
N GLY A 90 16.68 -7.25 4.47
CA GLY A 90 16.63 -6.66 3.12
C GLY A 90 15.78 -7.53 2.20
N GLN A 91 16.00 -8.84 2.24
CA GLN A 91 15.16 -9.80 1.50
C GLN A 91 13.69 -9.74 1.89
N LEU A 92 13.42 -9.59 3.19
CA LEU A 92 12.05 -9.48 3.69
C LEU A 92 11.37 -8.20 3.19
N CYS A 93 12.07 -7.06 3.27
CA CYS A 93 11.54 -5.81 2.70
C CYS A 93 11.24 -5.96 1.21
N ASP A 94 12.17 -6.56 0.47
CA ASP A 94 12.00 -6.78 -0.97
C ASP A 94 10.70 -7.60 -1.24
N ALA A 95 10.60 -8.74 -0.60
CA ALA A 95 9.45 -9.63 -0.75
C ALA A 95 8.14 -8.99 -0.32
N ALA A 96 8.14 -8.30 0.81
CA ALA A 96 6.92 -7.62 1.31
C ALA A 96 6.40 -6.59 0.31
N ILE A 97 7.29 -5.79 -0.27
CA ILE A 97 6.86 -4.81 -1.26
C ILE A 97 6.60 -5.44 -2.64
N ARG A 98 7.58 -6.17 -3.18
CA ARG A 98 7.54 -6.59 -4.59
C ARG A 98 6.64 -7.79 -4.90
N TYR A 99 6.45 -8.68 -3.93
CA TYR A 99 5.56 -9.85 -4.08
C TYR A 99 4.40 -9.83 -3.09
N SER A 100 4.33 -8.75 -2.33
CA SER A 100 3.33 -8.55 -1.27
C SER A 100 3.30 -9.79 -0.37
N ASP A 101 4.49 -10.21 0.08
CA ASP A 101 4.64 -11.43 0.86
C ASP A 101 4.11 -11.20 2.29
N GLY A 102 3.20 -12.06 2.73
CA GLY A 102 2.54 -11.88 4.05
C GLY A 102 3.42 -12.26 5.22
N THR A 103 4.10 -13.40 5.09
CA THR A 103 5.08 -13.83 6.10
C THR A 103 6.20 -12.78 6.25
N ALA A 104 6.69 -12.23 5.14
CA ALA A 104 7.69 -11.16 5.26
C ALA A 104 7.17 -9.98 6.08
N ALA A 105 5.92 -9.61 5.85
CA ALA A 105 5.33 -8.48 6.59
C ALA A 105 5.19 -8.82 8.06
N ASN A 106 4.75 -10.04 8.38
CA ASN A 106 4.66 -10.44 9.78
C ASN A 106 6.02 -10.40 10.45
N LEU A 107 7.06 -10.88 9.76
CA LEU A 107 8.40 -10.88 10.35
C LEU A 107 8.93 -9.45 10.54
N LEU A 108 8.56 -8.57 9.63
CA LEU A 108 9.00 -7.17 9.69
C LEU A 108 8.29 -6.46 10.85
N LEU A 109 7.00 -6.74 11.02
CA LEU A 109 6.27 -6.27 12.19
C LEU A 109 6.96 -6.70 13.49
N ALA A 110 7.31 -7.98 13.59
CA ALA A 110 8.04 -8.52 14.75
C ALA A 110 9.40 -7.85 14.98
N ASP A 111 10.07 -7.50 13.88
CA ASP A 111 11.34 -6.78 13.95
C ASP A 111 11.17 -5.39 14.51
N LEU A 112 10.13 -4.69 14.07
CA LEU A 112 9.79 -3.40 14.62
C LEU A 112 9.50 -3.52 16.12
N GLY A 113 8.74 -4.57 16.48
CA GLY A 113 8.60 -4.99 17.86
C GLY A 113 7.57 -4.20 18.65
N GLY A 114 7.51 -4.46 19.94
CA GLY A 114 6.55 -3.78 20.83
C GLY A 114 5.19 -4.44 20.83
N PRO A 115 4.21 -3.86 21.55
CA PRO A 115 2.87 -4.48 21.71
C PRO A 115 2.15 -4.80 20.39
N GLY A 116 1.26 -5.80 20.45
CA GLY A 116 0.47 -6.18 19.28
C GLY A 116 1.34 -6.75 18.16
N GLY A 117 2.46 -7.35 18.52
CA GLY A 117 3.41 -7.92 17.53
C GLY A 117 3.97 -6.91 16.55
N GLY A 118 4.06 -5.65 16.99
CA GLY A 118 4.61 -4.61 16.10
C GLY A 118 3.55 -3.68 15.51
N THR A 119 2.27 -4.02 15.66
CA THR A 119 1.19 -3.19 15.08
C THR A 119 1.09 -1.83 15.77
N ALA A 120 1.34 -1.80 17.08
CA ALA A 120 1.28 -0.54 17.82
C ALA A 120 2.43 0.41 17.38
N ALA A 121 3.66 -0.11 17.21
CA ALA A 121 4.78 0.69 16.74
C ALA A 121 4.55 1.12 15.30
N PHE A 122 3.95 0.23 14.50
CA PHE A 122 3.64 0.61 13.11
C PHE A 122 2.70 1.84 13.10
N THR A 123 1.64 1.76 13.91
CA THR A 123 0.68 2.84 14.02
C THR A 123 1.39 4.10 14.54
N GLY A 124 2.29 3.92 15.51
CA GLY A 124 3.08 5.02 16.07
C GLY A 124 3.92 5.70 14.99
N TYR A 125 4.46 4.90 14.07
CA TYR A 125 5.24 5.47 12.97
C TYR A 125 4.35 6.38 12.10
N LEU A 126 3.13 5.92 11.77
CA LEU A 126 2.20 6.77 11.01
C LEU A 126 1.86 8.06 11.77
N ARG A 127 1.65 7.95 13.08
CA ARG A 127 1.34 9.14 13.89
C ARG A 127 2.48 10.17 13.81
N SER A 128 3.73 9.70 13.73
CA SER A 128 4.92 10.58 13.65
C SER A 128 4.95 11.35 12.34
N LEU A 129 4.28 10.82 11.33
CA LEU A 129 4.11 11.47 10.05
C LEU A 129 2.82 12.27 9.97
N GLY A 130 2.20 12.51 11.12
CA GLY A 130 1.01 13.37 11.16
C GLY A 130 -0.29 12.72 10.72
N ASP A 131 -0.29 11.40 10.55
CA ASP A 131 -1.47 10.63 10.22
C ASP A 131 -2.16 10.23 11.53
N THR A 132 -3.24 10.94 11.86
CA THR A 132 -4.02 10.65 13.07
C THR A 132 -5.25 9.76 12.77
N VAL A 133 -5.31 9.22 11.57
CA VAL A 133 -6.49 8.50 11.06
C VAL A 133 -6.24 6.98 11.00
N SER A 134 -5.16 6.57 10.33
CA SER A 134 -4.94 5.14 10.08
C SER A 134 -4.63 4.36 11.36
N ARG A 135 -4.91 3.06 11.31
CA ARG A 135 -4.59 2.18 12.42
C ARG A 135 -4.36 0.79 11.91
N LEU A 136 -3.36 0.11 12.47
CA LEU A 136 -3.16 -1.31 12.24
C LEU A 136 -3.33 -2.01 13.57
N ASP A 137 -4.09 -3.10 13.56
CA ASP A 137 -4.51 -3.79 14.78
C ASP A 137 -4.17 -5.28 14.82
N ALA A 138 -3.89 -5.86 13.66
CA ALA A 138 -3.65 -7.29 13.53
C ALA A 138 -2.55 -7.52 12.53
N GLU A 139 -1.95 -8.70 12.53
CA GLU A 139 -1.03 -9.05 11.47
C GLU A 139 -1.73 -9.93 10.42
N GLU A 140 -0.95 -10.47 9.48
CA GLU A 140 -1.51 -11.38 8.47
C GLU A 140 -1.85 -12.73 9.11
N PRO A 141 -2.96 -13.36 8.67
CA PRO A 141 -3.94 -12.92 7.68
C PRO A 141 -5.10 -12.08 8.23
N GLU A 142 -5.18 -11.90 9.54
CA GLU A 142 -6.37 -11.30 10.16
C GLU A 142 -6.65 -9.86 9.74
N LEU A 143 -5.61 -9.11 9.42
CA LEU A 143 -5.78 -7.69 9.08
C LEU A 143 -6.61 -7.42 7.81
N ASN A 144 -6.75 -8.44 6.95
CA ASN A 144 -7.59 -8.36 5.73
C ASN A 144 -9.07 -8.73 5.88
N ARG A 145 -9.44 -9.13 7.09
CA ARG A 145 -10.71 -9.82 7.30
C ARG A 145 -11.74 -9.04 8.10
N ASP A 146 -11.43 -7.80 8.48
CA ASP A 146 -12.39 -7.04 9.28
C ASP A 146 -13.64 -6.77 8.42
N PRO A 147 -14.83 -6.82 9.04
CA PRO A 147 -16.04 -6.63 8.25
C PRO A 147 -16.08 -5.22 7.65
N PRO A 148 -16.82 -5.04 6.56
CA PRO A 148 -17.06 -3.70 5.98
C PRO A 148 -17.53 -2.73 7.07
N GLY A 149 -16.94 -1.54 7.10
CA GLY A 149 -17.28 -0.51 8.12
C GLY A 149 -16.47 -0.54 9.42
N ASP A 150 -15.90 -1.69 9.75
CA ASP A 150 -15.10 -1.85 10.96
C ASP A 150 -13.84 -0.99 10.78
N GLU A 151 -13.48 -0.24 11.81
CA GLU A 151 -12.32 0.65 11.68
C GLU A 151 -10.98 -0.01 11.88
N ARG A 152 -10.97 -1.25 12.37
CA ARG A 152 -9.70 -1.92 12.60
C ARG A 152 -8.98 -2.06 11.26
N ASP A 153 -7.66 -1.86 11.27
CA ASP A 153 -6.82 -2.10 10.08
C ASP A 153 -7.22 -1.26 8.88
N THR A 154 -7.62 -0.01 9.13
CA THR A 154 -8.03 0.87 8.04
C THR A 154 -7.16 2.10 7.89
N THR A 155 -7.21 2.66 6.69
CA THR A 155 -6.66 3.98 6.43
C THR A 155 -7.73 4.69 5.59
N THR A 156 -7.39 5.83 4.99
CA THR A 156 -8.25 6.49 4.03
C THR A 156 -7.36 6.85 2.83
N PRO A 157 -7.96 6.97 1.63
CA PRO A 157 -7.13 7.37 0.50
C PRO A 157 -6.35 8.67 0.80
N HIS A 158 -7.00 9.61 1.48
CA HIS A 158 -6.36 10.87 1.87
C HIS A 158 -5.17 10.62 2.82
N ALA A 159 -5.37 9.84 3.89
CA ALA A 159 -4.32 9.67 4.90
C ALA A 159 -3.11 8.95 4.29
N ILE A 160 -3.36 7.89 3.52
CA ILE A 160 -2.26 7.10 2.99
C ILE A 160 -1.50 7.83 1.88
N ALA A 161 -2.20 8.67 1.11
CA ALA A 161 -1.53 9.49 0.08
C ALA A 161 -0.57 10.49 0.73
N LEU A 162 -0.98 11.08 1.85
CA LEU A 162 -0.10 12.05 2.53
C LEU A 162 1.09 11.36 3.17
N VAL A 163 0.88 10.15 3.68
CA VAL A 163 1.98 9.33 4.22
C VAL A 163 2.96 8.98 3.09
N LEU A 164 2.44 8.46 1.99
CA LEU A 164 3.33 8.05 0.89
C LEU A 164 4.10 9.21 0.29
N GLN A 165 3.42 10.35 0.18
CA GLN A 165 4.06 11.58 -0.28
C GLN A 165 5.27 11.92 0.57
N GLN A 166 5.15 11.85 1.90
CA GLN A 166 6.28 12.14 2.78
C GLN A 166 7.43 11.17 2.61
N LEU A 167 7.09 9.89 2.47
CA LEU A 167 8.05 8.81 2.38
C LEU A 167 8.91 8.89 1.11
N VAL A 168 8.26 9.15 -0.02
CA VAL A 168 8.90 9.03 -1.34
C VAL A 168 9.36 10.39 -1.86
N LEU A 169 8.54 11.40 -1.67
CA LEU A 169 8.82 12.73 -2.22
C LEU A 169 9.36 13.66 -1.16
N GLY A 170 8.94 13.46 0.08
CA GLY A 170 9.33 14.34 1.19
C GLY A 170 10.55 13.82 1.92
N ASN A 171 10.72 14.27 3.16
CA ASN A 171 11.96 14.06 3.89
C ASN A 171 11.77 13.18 5.11
N ALA A 172 10.71 12.35 5.09
CA ALA A 172 10.47 11.38 6.19
C ALA A 172 11.68 10.48 6.40
N LEU A 173 12.30 10.06 5.29
CA LEU A 173 13.50 9.22 5.35
C LEU A 173 14.71 9.96 4.81
N PRO A 174 15.92 9.60 5.30
CA PRO A 174 17.16 10.13 4.68
C PRO A 174 17.23 9.61 3.25
N PRO A 175 17.92 10.34 2.36
CA PRO A 175 17.99 9.94 0.96
C PRO A 175 18.36 8.50 0.69
N ASP A 176 19.34 7.94 1.41
CA ASP A 176 19.67 6.55 1.17
C ASP A 176 18.53 5.57 1.43
N LYS A 177 17.86 5.71 2.57
CA LYS A 177 16.73 4.87 2.91
C LYS A 177 15.53 5.15 2.01
N ARG A 178 15.32 6.41 1.65
CA ARG A 178 14.27 6.81 0.69
C ARG A 178 14.45 6.11 -0.65
N ALA A 179 15.70 6.02 -1.12
CA ALA A 179 15.98 5.40 -2.41
C ALA A 179 15.67 3.90 -2.36
N LEU A 180 15.97 3.26 -1.23
CA LEU A 180 15.70 1.82 -1.08
C LEU A 180 14.20 1.54 -1.19
N LEU A 181 13.40 2.32 -0.45
CA LEU A 181 11.95 2.21 -0.54
C LEU A 181 11.40 2.46 -1.96
N THR A 182 11.86 3.55 -2.58
CA THR A 182 11.40 3.96 -3.91
C THR A 182 11.73 2.85 -4.91
N ASP A 183 12.96 2.33 -4.86
CA ASP A 183 13.39 1.27 -5.80
C ASP A 183 12.60 -0.02 -5.66
N TRP A 184 12.32 -0.44 -4.43
CA TRP A 184 11.47 -1.61 -4.22
C TRP A 184 10.07 -1.40 -4.82
N MET A 185 9.48 -0.23 -4.58
CA MET A 185 8.16 0.05 -5.15
C MET A 185 8.25 0.17 -6.68
N ALA A 186 9.36 0.71 -7.18
CA ALA A 186 9.59 0.82 -8.63
C ALA A 186 9.60 -0.55 -9.30
N ARG A 187 10.10 -1.55 -8.58
CA ARG A 187 10.29 -2.91 -9.07
C ARG A 187 9.16 -3.85 -8.65
N ASN A 188 8.04 -3.29 -8.21
CA ASN A 188 6.90 -4.09 -7.77
C ASN A 188 6.44 -4.97 -8.93
N THR A 189 6.06 -6.21 -8.61
CA THR A 189 5.59 -7.17 -9.63
C THR A 189 4.08 -7.37 -9.61
N THR A 190 3.39 -6.78 -8.63
CA THR A 190 1.97 -7.11 -8.43
C THR A 190 1.00 -6.06 -8.98
N GLY A 191 1.52 -4.98 -9.58
CA GLY A 191 0.70 -3.79 -9.87
C GLY A 191 0.37 -3.49 -11.32
N ALA A 192 0.71 -4.41 -12.23
CA ALA A 192 0.63 -4.11 -13.68
C ALA A 192 -0.79 -3.79 -14.15
N LYS A 193 -1.80 -4.32 -13.45
CA LYS A 193 -3.20 -4.16 -13.86
C LYS A 193 -3.97 -3.13 -13.04
N ARG A 194 -3.24 -2.31 -12.30
CA ARG A 194 -3.87 -1.33 -11.45
C ARG A 194 -3.50 0.08 -11.88
N ILE A 195 -2.92 0.87 -10.98
CA ILE A 195 -2.63 2.26 -11.35
C ILE A 195 -1.74 2.32 -12.61
N ARG A 196 -0.77 1.42 -12.68
CA ARG A 196 0.11 1.29 -13.87
C ARG A 196 -0.68 1.19 -15.18
N ALA A 197 -1.78 0.45 -15.18
CA ALA A 197 -2.58 0.28 -16.40
C ALA A 197 -3.29 1.55 -16.83
N GLY A 198 -3.42 2.54 -15.94
CA GLY A 198 -4.16 3.76 -16.25
C GLY A 198 -3.32 4.92 -16.76
N PHE A 199 -2.00 4.80 -16.62
CA PHE A 199 -1.06 5.84 -17.02
C PHE A 199 -0.26 5.41 -18.24
N PRO A 200 -0.03 6.35 -19.17
CA PRO A 200 0.75 6.03 -20.38
C PRO A 200 2.14 5.54 -20.04
N ALA A 201 2.74 4.78 -20.96
CA ALA A 201 4.03 4.12 -20.73
C ALA A 201 5.18 5.09 -20.40
N ASP A 202 5.09 6.32 -20.90
CA ASP A 202 6.16 7.30 -20.70
C ASP A 202 6.07 8.00 -19.33
N TRP A 203 5.07 7.61 -18.53
CA TRP A 203 4.99 8.02 -17.12
C TRP A 203 5.62 6.92 -16.26
N LYS A 204 6.51 7.29 -15.35
CA LYS A 204 7.08 6.34 -14.39
C LYS A 204 6.05 6.05 -13.31
N VAL A 205 5.91 4.77 -12.94
CA VAL A 205 4.99 4.41 -11.87
C VAL A 205 5.68 3.46 -10.89
N ILE A 206 5.55 3.77 -9.61
CA ILE A 206 6.01 2.88 -8.53
C ILE A 206 4.80 2.69 -7.62
N ASP A 207 4.62 1.52 -7.03
CA ASP A 207 3.37 1.30 -6.29
C ASP A 207 3.45 0.14 -5.30
N LYS A 208 2.44 0.06 -4.44
CA LYS A 208 2.23 -1.09 -3.55
C LYS A 208 0.73 -1.42 -3.55
N THR A 209 0.38 -2.67 -3.86
CA THR A 209 -1.02 -3.08 -3.99
C THR A 209 -1.55 -3.62 -2.66
N GLY A 210 -2.87 -3.77 -2.58
CA GLY A 210 -3.50 -4.50 -1.48
C GLY A 210 -4.70 -5.22 -2.05
N THR A 211 -4.96 -6.42 -1.57
CA THR A 211 -6.11 -7.21 -2.01
C THR A 211 -6.61 -7.96 -0.77
N GLY A 212 -7.93 -8.11 -0.65
CA GLY A 212 -8.50 -8.70 0.54
C GLY A 212 -9.92 -9.20 0.36
N ASP A 213 -10.52 -9.60 1.48
CA ASP A 213 -11.86 -10.12 1.47
C ASP A 213 -12.86 -9.03 1.22
N TYR A 214 -14.11 -9.40 0.98
CA TYR A 214 -15.15 -8.44 0.60
C TYR A 214 -14.79 -7.64 -0.65
N GLY A 215 -14.03 -8.26 -1.55
CA GLY A 215 -13.77 -7.68 -2.86
C GLY A 215 -12.82 -6.50 -2.80
N ARG A 216 -11.97 -6.48 -1.77
CA ARG A 216 -11.00 -5.39 -1.57
C ARG A 216 -9.86 -5.39 -2.56
N ALA A 217 -9.65 -4.25 -3.21
CA ALA A 217 -8.53 -4.07 -4.13
C ALA A 217 -8.04 -2.64 -4.00
N ASN A 218 -6.79 -2.48 -3.61
CA ASN A 218 -6.20 -1.16 -3.45
C ASN A 218 -4.91 -1.04 -4.25
N ASP A 219 -4.49 0.19 -4.48
CA ASP A 219 -3.17 0.47 -5.01
C ASP A 219 -2.78 1.88 -4.57
N ILE A 220 -1.55 2.02 -4.06
CA ILE A 220 -1.00 3.33 -3.77
C ILE A 220 0.26 3.52 -4.63
N ALA A 221 0.38 4.66 -5.29
CA ALA A 221 1.48 4.86 -6.23
C ALA A 221 2.07 6.25 -6.09
N VAL A 222 3.33 6.41 -6.54
CA VAL A 222 3.84 7.70 -6.97
C VAL A 222 4.12 7.59 -8.45
N VAL A 223 3.65 8.58 -9.21
CA VAL A 223 3.83 8.60 -10.64
C VAL A 223 4.60 9.86 -10.98
N TRP A 224 5.37 9.79 -12.07
CA TRP A 224 6.09 10.95 -12.59
C TRP A 224 5.72 11.15 -14.05
N SER A 225 5.36 12.38 -14.39
CA SER A 225 5.10 12.70 -15.79
C SER A 225 6.38 12.51 -16.62
N PRO A 226 6.24 12.50 -17.95
CA PRO A 226 7.43 12.40 -18.81
C PRO A 226 8.43 13.56 -18.62
N THR A 227 8.00 14.66 -17.99
CA THR A 227 8.91 15.76 -17.62
C THR A 227 9.32 15.77 -16.14
N GLY A 228 9.06 14.68 -15.42
CA GLY A 228 9.53 14.55 -14.05
C GLY A 228 8.69 15.26 -13.00
N VAL A 229 7.41 15.51 -13.29
CA VAL A 229 6.53 16.12 -12.29
C VAL A 229 5.82 14.99 -11.57
N PRO A 230 6.03 14.88 -10.23
CA PRO A 230 5.45 13.76 -9.48
C PRO A 230 4.05 14.03 -8.90
N TYR A 231 3.25 12.96 -8.80
CA TYR A 231 1.91 13.02 -8.20
C TYR A 231 1.75 11.75 -7.37
N VAL A 232 1.01 11.83 -6.28
CA VAL A 232 0.75 10.64 -5.46
C VAL A 232 -0.67 10.23 -5.75
N VAL A 233 -0.90 8.93 -5.96
CA VAL A 233 -2.21 8.46 -6.37
C VAL A 233 -2.60 7.31 -5.45
N ALA A 234 -3.67 7.48 -4.67
CA ALA A 234 -4.18 6.41 -3.81
C ALA A 234 -5.57 6.03 -4.31
N VAL A 235 -5.73 4.76 -4.66
CA VAL A 235 -7.04 4.26 -5.07
C VAL A 235 -7.37 3.05 -4.22
N MET A 236 -8.55 3.05 -3.60
CA MET A 236 -8.98 1.95 -2.71
C MET A 236 -10.40 1.52 -3.07
N SER A 237 -10.74 0.24 -2.89
CA SER A 237 -12.07 -0.21 -3.27
C SER A 237 -12.47 -1.44 -2.49
N ASP A 238 -13.77 -1.64 -2.36
CA ASP A 238 -14.31 -2.92 -1.88
C ASP A 238 -15.63 -3.18 -2.58
N ARG A 239 -16.10 -4.41 -2.48
CA ARG A 239 -17.36 -4.78 -3.09
C ARG A 239 -18.15 -5.54 -2.01
N ALA A 240 -18.35 -4.87 -0.87
CA ALA A 240 -19.00 -5.46 0.30
C ALA A 240 -20.36 -6.06 -0.01
N GLY A 241 -21.03 -5.52 -1.02
CA GLY A 241 -22.29 -6.08 -1.51
C GLY A 241 -22.27 -7.56 -1.91
N GLY A 242 -21.10 -8.07 -2.27
CA GLY A 242 -20.93 -9.51 -2.57
C GLY A 242 -20.56 -10.38 -1.37
N GLY A 243 -20.47 -9.78 -0.19
CA GLY A 243 -20.06 -10.54 1.00
C GLY A 243 -18.57 -10.86 1.01
N TYR A 244 -18.18 -11.73 1.95
CA TYR A 244 -16.78 -12.05 2.24
C TYR A 244 -16.01 -12.52 1.00
N ASP A 245 -16.70 -13.30 0.17
CA ASP A 245 -16.08 -13.96 -0.97
C ASP A 245 -16.20 -13.15 -2.27
N ALA A 246 -16.68 -11.92 -2.18
CA ALA A 246 -16.75 -11.04 -3.35
C ALA A 246 -15.37 -10.96 -4.00
N GLU A 247 -15.33 -11.13 -5.32
CA GLU A 247 -14.06 -11.05 -6.05
C GLU A 247 -13.48 -9.64 -6.10
N PRO A 248 -12.20 -9.47 -5.74
CA PRO A 248 -11.58 -8.17 -5.96
C PRO A 248 -11.54 -7.91 -7.47
N ARG A 249 -11.69 -6.67 -7.89
CA ARG A 249 -11.72 -6.39 -9.34
C ARG A 249 -10.69 -5.31 -9.69
N GLU A 250 -9.51 -5.72 -10.12
CA GLU A 250 -8.42 -4.78 -10.46
C GLU A 250 -8.81 -3.79 -11.54
N ALA A 251 -9.71 -4.24 -12.43
CA ALA A 251 -10.12 -3.43 -13.56
C ALA A 251 -10.69 -2.10 -13.10
N LEU A 252 -11.41 -2.11 -11.98
CA LEU A 252 -11.94 -0.88 -11.36
C LEU A 252 -10.81 0.13 -11.11
N LEU A 253 -9.70 -0.36 -10.57
CA LEU A 253 -8.57 0.49 -10.23
C LEU A 253 -7.90 1.04 -11.50
N ALA A 254 -7.76 0.18 -12.50
CA ALA A 254 -7.23 0.59 -13.82
C ALA A 254 -8.08 1.70 -14.44
N GLU A 255 -9.41 1.54 -14.39
CA GLU A 255 -10.29 2.56 -14.93
C GLU A 255 -10.25 3.87 -14.12
N ALA A 256 -10.30 3.77 -12.80
CA ALA A 256 -10.19 4.97 -11.97
C ALA A 256 -8.85 5.69 -12.24
N ALA A 257 -7.77 4.92 -12.32
CA ALA A 257 -6.44 5.47 -12.64
C ALA A 257 -6.42 6.14 -14.05
N THR A 258 -7.08 5.51 -15.02
CA THR A 258 -7.18 6.11 -16.37
C THR A 258 -7.84 7.48 -16.31
N CYS A 259 -8.89 7.58 -15.49
CA CYS A 259 -9.61 8.84 -15.29
C CYS A 259 -8.72 9.90 -14.64
N VAL A 260 -7.98 9.49 -13.62
CA VAL A 260 -7.02 10.39 -12.98
C VAL A 260 -5.95 10.85 -13.98
N ALA A 261 -5.37 9.88 -14.70
CA ALA A 261 -4.30 10.17 -15.68
C ALA A 261 -4.75 11.21 -16.69
N GLY A 262 -6.01 11.12 -17.12
CA GLY A 262 -6.61 12.11 -18.03
C GLY A 262 -6.62 13.54 -17.49
N VAL A 263 -6.85 13.69 -16.19
CA VAL A 263 -6.85 15.02 -15.58
C VAL A 263 -5.41 15.53 -15.46
N LEU A 264 -4.49 14.64 -15.09
CA LEU A 264 -3.10 15.01 -14.85
C LEU A 264 -2.25 15.23 -16.10
N ALA A 265 -2.68 14.68 -17.23
CA ALA A 265 -1.91 14.83 -18.49
C ALA A 265 -1.93 16.26 -19.06
#